data_8EK4
#
_entry.id   8EK4
#
_cell.length_a   54.582
_cell.length_b   67.427
_cell.length_c   74.326
_cell.angle_alpha   90.000
_cell.angle_beta   90.000
_cell.angle_gamma   90.000
#
_symmetry.space_group_name_H-M   'P 21 21 21'
#
_entity_poly.entity_id   1
_entity_poly.type   'polypeptide(L)'
_entity_poly.pdbx_seq_one_letter_code
;MEEEVREKLKRMEKKFDDSLEKAERKIREIIKEAEKKLKTLKKRNGPYEAVVTTLRAILKAVETKIRAIIKALKTELDAL
IKAMETILKAHDKNDELKKEVEDIIKKMRDKLTKLIRKAKELLDRLKKKAKKVQDETSGGW
;
_entity_poly.pdbx_strand_id   A,B
#
# COMPACT_ATOMS: atom_id res chain seq x y z
N GLU A 4 9.97 23.08 -26.87
CA GLU A 4 9.84 23.05 -25.42
C GLU A 4 8.59 22.27 -25.01
N VAL A 5 7.49 22.46 -25.75
CA VAL A 5 6.23 21.86 -25.37
C VAL A 5 6.26 20.35 -25.58
N ARG A 6 6.95 19.89 -26.62
CA ARG A 6 6.98 18.46 -26.91
C ARG A 6 7.98 17.72 -26.03
N GLU A 7 9.08 18.37 -25.67
CA GLU A 7 10.04 17.74 -24.76
C GLU A 7 9.48 17.64 -23.35
N LYS A 8 8.53 18.50 -22.98
CA LYS A 8 7.85 18.34 -21.70
C LYS A 8 6.92 17.14 -21.72
N LEU A 9 6.30 16.85 -22.87
CA LEU A 9 5.39 15.71 -22.94
C LEU A 9 6.16 14.40 -22.94
N LYS A 10 7.24 14.32 -23.72
CA LYS A 10 8.02 13.08 -23.77
C LYS A 10 8.69 12.80 -22.43
N ARG A 11 9.17 13.85 -21.75
CA ARG A 11 9.80 13.64 -20.44
C ARG A 11 8.81 13.08 -19.43
N MET A 12 7.58 13.60 -19.43
CA MET A 12 6.55 13.04 -18.56
C MET A 12 6.15 11.64 -18.98
N GLU A 13 6.20 11.36 -20.29
CA GLU A 13 5.93 10.00 -20.75
C GLU A 13 7.07 9.06 -20.38
N LYS A 14 8.31 9.55 -20.42
CA LYS A 14 9.45 8.73 -20.03
C LYS A 14 9.47 8.45 -18.53
N LYS A 15 8.95 9.37 -17.73
CA LYS A 15 8.97 9.19 -16.28
C LYS A 15 7.96 8.12 -15.84
N PHE A 16 6.81 8.06 -16.50
CA PHE A 16 5.81 7.06 -16.12
C PHE A 16 6.30 5.65 -16.42
N ASP A 17 6.98 5.45 -17.55
CA ASP A 17 7.53 4.14 -17.86
C ASP A 17 8.53 3.69 -16.79
N ASP A 18 9.36 4.63 -16.31
CA ASP A 18 10.29 4.29 -15.24
C ASP A 18 9.55 3.91 -13.96
N SER A 19 8.45 4.62 -13.66
CA SER A 19 7.65 4.26 -12.49
C SER A 19 6.99 2.91 -12.69
N LEU A 20 6.52 2.62 -13.91
CA LEU A 20 5.92 1.32 -14.18
C LEU A 20 6.92 0.20 -13.99
N GLU A 21 8.14 0.37 -14.51
CA GLU A 21 9.15 -0.69 -14.39
C GLU A 21 9.50 -0.95 -12.94
N LYS A 22 9.72 0.11 -12.17
CA LYS A 22 10.09 -0.06 -10.77
C LYS A 22 8.95 -0.66 -9.95
N ALA A 23 7.71 -0.27 -10.26
CA ALA A 23 6.57 -0.89 -9.58
C ALA A 23 6.50 -2.38 -9.86
N GLU A 24 6.81 -2.78 -11.11
CA GLU A 24 6.78 -4.19 -11.47
C GLU A 24 7.82 -5.00 -10.69
N ARG A 25 9.02 -4.43 -10.51
CA ARG A 25 10.05 -5.16 -9.79
C ARG A 25 9.73 -5.26 -8.31
N LYS A 26 9.13 -4.22 -7.73
CA LYS A 26 8.73 -4.28 -6.33
C LYS A 26 7.64 -5.33 -6.12
N ILE A 27 6.69 -5.42 -7.04
CA ILE A 27 5.61 -6.41 -6.92
C ILE A 27 6.18 -7.82 -7.00
N ARG A 28 7.01 -8.08 -8.01
CA ARG A 28 7.61 -9.41 -8.14
C ARG A 28 8.51 -9.73 -6.95
N GLU A 29 9.18 -8.73 -6.40
CA GLU A 29 10.00 -8.96 -5.21
C GLU A 29 9.13 -9.32 -4.00
N ILE A 30 7.96 -8.70 -3.89
CA ILE A 30 7.07 -9.01 -2.78
C ILE A 30 6.52 -10.43 -2.92
N ILE A 31 6.17 -10.83 -4.13
CA ILE A 31 5.66 -12.19 -4.36
C ILE A 31 6.74 -13.22 -4.01
N LYS A 32 7.97 -12.99 -4.48
CA LYS A 32 9.04 -13.94 -4.23
C LYS A 32 9.26 -14.14 -2.73
N GLU A 33 9.30 -13.05 -1.97
CA GLU A 33 9.49 -13.18 -0.53
C GLU A 33 8.29 -13.82 0.16
N ALA A 34 7.10 -13.71 -0.43
CA ALA A 34 5.94 -14.42 0.13
C ALA A 34 6.03 -15.92 -0.14
N GLU A 35 6.49 -16.31 -1.33
CA GLU A 35 6.68 -17.72 -1.62
C GLU A 35 7.72 -18.34 -0.71
N LYS A 36 8.76 -17.58 -0.34
CA LYS A 36 9.78 -18.10 0.56
C LYS A 36 9.21 -18.34 1.96
N LYS A 37 8.33 -17.46 2.43
CA LYS A 37 7.70 -17.69 3.73
C LYS A 37 6.73 -18.86 3.68
N LEU A 38 6.10 -19.11 2.54
CA LEU A 38 5.13 -20.18 2.44
C LEU A 38 5.81 -21.54 2.42
N LYS A 39 6.96 -21.65 1.76
CA LYS A 39 7.69 -22.92 1.73
C LYS A 39 8.18 -23.30 3.13
N THR A 40 8.72 -22.33 3.88
CA THR A 40 9.14 -22.60 5.24
C THR A 40 7.96 -22.84 6.18
N LEU A 41 6.75 -22.43 5.79
CA LEU A 41 5.58 -22.74 6.58
C LEU A 41 5.20 -24.21 6.44
N LYS A 42 5.28 -24.74 5.20
CA LYS A 42 5.03 -26.16 5.00
C LYS A 42 6.09 -27.01 5.71
N LYS A 43 7.33 -26.53 5.74
CA LYS A 43 8.41 -27.29 6.35
C LYS A 43 8.22 -27.45 7.85
N ARG A 44 7.71 -26.41 8.52
CA ARG A 44 7.51 -26.47 9.96
C ARG A 44 6.22 -27.23 10.30
N ASN A 45 5.08 -26.65 9.94
CA ASN A 45 3.76 -27.25 10.15
C ASN A 45 3.51 -27.57 11.62
N GLY A 46 3.02 -26.58 12.38
CA GLY A 46 2.63 -26.81 13.75
C GLY A 46 1.18 -27.25 13.85
N PRO A 47 0.48 -26.78 14.87
CA PRO A 47 -0.96 -27.08 14.98
C PRO A 47 -1.74 -26.39 13.86
N TYR A 48 -3.02 -26.78 13.76
CA TYR A 48 -3.86 -26.24 12.70
C TYR A 48 -4.12 -24.75 12.91
N GLU A 49 -4.33 -24.32 14.15
CA GLU A 49 -4.67 -22.92 14.42
C GLU A 49 -3.52 -21.99 14.06
N ALA A 50 -2.27 -22.47 14.17
CA ALA A 50 -1.13 -21.61 13.88
C ALA A 50 -0.83 -21.53 12.39
N VAL A 51 -1.12 -22.60 11.63
CA VAL A 51 -0.80 -22.61 10.21
C VAL A 51 -1.72 -21.69 9.43
N VAL A 52 -3.02 -21.70 9.76
CA VAL A 52 -3.97 -20.91 8.99
C VAL A 52 -3.84 -19.42 9.30
N THR A 53 -3.61 -19.09 10.58
CA THR A 53 -3.48 -17.68 10.96
C THR A 53 -2.28 -17.04 10.29
N THR A 54 -1.14 -17.75 10.27
CA THR A 54 0.04 -17.21 9.59
C THR A 54 -0.16 -17.15 8.08
N LEU A 55 -0.76 -18.18 7.51
CA LEU A 55 -0.98 -18.21 6.07
C LEU A 55 -1.87 -17.06 5.60
N ARG A 56 -2.96 -16.81 6.33
CA ARG A 56 -3.85 -15.70 5.97
C ARG A 56 -3.16 -14.36 6.11
N ALA A 57 -2.32 -14.21 7.15
CA ALA A 57 -1.60 -12.96 7.33
C ALA A 57 -0.60 -12.73 6.22
N ILE A 58 0.06 -13.79 5.75
CA ILE A 58 1.00 -13.66 4.64
C ILE A 58 0.29 -13.13 3.40
N LEU A 59 -0.84 -13.75 3.04
CA LEU A 59 -1.57 -13.34 1.86
C LEU A 59 -2.13 -11.93 2.01
N LYS A 60 -2.68 -11.60 3.17
CA LYS A 60 -3.30 -10.29 3.34
C LYS A 60 -2.27 -9.17 3.23
N ALA A 61 -1.10 -9.34 3.85
CA ALA A 61 -0.05 -8.35 3.73
C ALA A 61 0.35 -8.16 2.27
N VAL A 62 0.42 -9.24 1.50
CA VAL A 62 0.78 -9.16 0.09
C VAL A 62 -0.22 -8.30 -0.68
N GLU A 63 -1.51 -8.57 -0.50
CA GLU A 63 -2.53 -7.82 -1.22
C GLU A 63 -2.55 -6.36 -0.80
N THR A 64 -2.30 -6.09 0.48
CA THR A 64 -2.25 -4.72 0.97
C THR A 64 -1.16 -3.91 0.26
N LYS A 65 0.05 -4.47 0.17
CA LYS A 65 1.16 -3.77 -0.47
C LYS A 65 0.92 -3.61 -1.97
N ILE A 66 0.41 -4.66 -2.63
CA ILE A 66 0.23 -4.59 -4.08
C ILE A 66 -0.84 -3.56 -4.43
N ARG A 67 -1.93 -3.52 -3.67
CA ARG A 67 -2.96 -2.51 -3.90
C ARG A 67 -2.38 -1.11 -3.75
N ALA A 68 -1.47 -0.92 -2.80
CA ALA A 68 -0.88 0.40 -2.58
C ALA A 68 -0.02 0.83 -3.76
N ILE A 69 0.81 -0.09 -4.28
CA ILE A 69 1.62 0.23 -5.44
C ILE A 69 0.74 0.53 -6.64
N ILE A 70 -0.29 -0.28 -6.86
CA ILE A 70 -1.22 -0.05 -7.97
C ILE A 70 -1.92 1.29 -7.83
N LYS A 71 -2.42 1.59 -6.62
CA LYS A 71 -3.03 2.90 -6.40
C LYS A 71 -2.03 4.03 -6.64
N ALA A 72 -0.77 3.83 -6.23
CA ALA A 72 0.26 4.84 -6.46
C ALA A 72 0.45 5.11 -7.95
N LEU A 73 0.45 4.05 -8.76
CA LEU A 73 0.59 4.22 -10.20
C LEU A 73 -0.59 5.00 -10.78
N LYS A 74 -1.79 4.72 -10.29
CA LYS A 74 -2.97 5.42 -10.79
C LYS A 74 -3.00 6.86 -10.31
N THR A 75 -2.44 7.15 -9.13
CA THR A 75 -2.34 8.53 -8.70
C THR A 75 -1.38 9.32 -9.57
N GLU A 76 -0.22 8.75 -9.88
CA GLU A 76 0.76 9.46 -10.71
C GLU A 76 0.22 9.66 -12.13
N LEU A 77 -0.43 8.65 -12.69
CA LEU A 77 -1.01 8.81 -14.02
C LEU A 77 -2.06 9.92 -14.03
N ASP A 78 -2.87 9.99 -12.97
CA ASP A 78 -3.85 11.07 -12.85
C ASP A 78 -3.16 12.44 -12.87
N ALA A 79 -2.07 12.58 -12.11
CA ALA A 79 -1.35 13.85 -12.10
C ALA A 79 -0.72 14.13 -13.46
N LEU A 80 -0.32 13.09 -14.19
CA LEU A 80 0.30 13.31 -15.50
C LEU A 80 -0.74 13.72 -16.54
N ILE A 81 -1.92 13.10 -16.53
CA ILE A 81 -2.94 13.45 -17.51
C ILE A 81 -3.37 14.89 -17.33
N LYS A 82 -3.70 15.29 -16.09
CA LYS A 82 -4.17 16.64 -15.85
C LYS A 82 -3.08 17.68 -16.08
N ALA A 83 -1.81 17.30 -15.90
CA ALA A 83 -0.73 18.24 -16.16
C ALA A 83 -0.53 18.45 -17.65
N MET A 84 -0.62 17.38 -18.44
CA MET A 84 -0.50 17.50 -19.89
C MET A 84 -1.57 18.43 -20.46
N GLU A 85 -2.79 18.36 -19.92
CA GLU A 85 -3.85 19.25 -20.37
C GLU A 85 -3.56 20.69 -19.98
N THR A 86 -2.91 20.90 -18.84
CA THR A 86 -2.50 22.24 -18.46
C THR A 86 -1.44 22.79 -19.42
N ILE A 87 -0.53 21.92 -19.88
CA ILE A 87 0.50 22.34 -20.81
C ILE A 87 -0.13 22.79 -22.14
N LEU A 88 -1.15 22.07 -22.59
CA LEU A 88 -1.78 22.37 -23.88
C LEU A 88 -2.66 23.61 -23.81
N LYS A 89 -3.46 23.74 -22.76
CA LYS A 89 -4.38 24.87 -22.66
C LYS A 89 -3.63 26.18 -22.49
N ALA A 90 -2.43 26.14 -21.89
CA ALA A 90 -1.60 27.33 -21.79
C ALA A 90 -0.84 27.61 -23.07
N HIS A 91 -0.55 26.57 -23.86
CA HIS A 91 0.07 26.74 -25.17
C HIS A 91 -0.98 27.18 -26.19
N ASP A 92 -0.52 27.79 -27.27
CA ASP A 92 -1.42 28.18 -28.35
C ASP A 92 -2.14 26.96 -28.90
N LYS A 93 -3.41 27.14 -29.25
CA LYS A 93 -4.25 26.04 -29.73
C LYS A 93 -3.65 25.40 -30.98
N ASN A 94 -3.01 24.25 -30.80
CA ASN A 94 -2.37 23.51 -31.87
C ASN A 94 -3.00 22.12 -31.94
N ASP A 95 -3.77 21.87 -33.01
CA ASP A 95 -4.47 20.60 -33.16
C ASP A 95 -3.50 19.43 -33.36
N GLU A 96 -2.28 19.69 -33.82
CA GLU A 96 -1.29 18.62 -33.89
C GLU A 96 -0.90 18.14 -32.51
N LEU A 97 -0.80 19.06 -31.54
CA LEU A 97 -0.56 18.66 -30.15
C LEU A 97 -1.82 18.05 -29.55
N LYS A 98 -2.98 18.67 -29.78
CA LYS A 98 -4.27 18.18 -29.29
C LYS A 98 -4.73 16.91 -29.99
N LYS A 99 -3.87 16.28 -30.80
CA LYS A 99 -4.14 14.97 -31.37
C LYS A 99 -3.08 13.94 -31.02
N GLU A 100 -1.86 14.37 -30.68
CA GLU A 100 -0.79 13.47 -30.26
C GLU A 100 -0.82 13.18 -28.77
N VAL A 101 -1.39 14.08 -27.97
CA VAL A 101 -1.43 13.89 -26.52
C VAL A 101 -2.33 12.72 -26.15
N GLU A 102 -3.47 12.58 -26.84
CA GLU A 102 -4.32 11.43 -26.60
C GLU A 102 -3.62 10.13 -26.95
N ASP A 103 -2.74 10.16 -27.96
CA ASP A 103 -1.92 8.99 -28.25
C ASP A 103 -0.97 8.68 -27.11
N ILE A 104 -0.39 9.72 -26.49
CA ILE A 104 0.45 9.51 -25.31
C ILE A 104 -0.40 9.06 -24.13
N ILE A 105 -1.57 9.70 -23.94
CA ILE A 105 -2.44 9.33 -22.83
C ILE A 105 -2.90 7.89 -22.96
N LYS A 106 -3.38 7.50 -24.15
CA LYS A 106 -3.85 6.13 -24.35
C LYS A 106 -2.71 5.13 -24.21
N LYS A 107 -1.50 5.50 -24.63
CA LYS A 107 -0.37 4.59 -24.50
C LYS A 107 -0.04 4.31 -23.04
N MET A 108 -0.10 5.34 -22.19
CA MET A 108 0.22 5.16 -20.77
C MET A 108 -0.89 4.41 -20.05
N ARG A 109 -2.15 4.64 -20.43
CA ARG A 109 -3.26 3.94 -19.79
C ARG A 109 -3.20 2.45 -20.10
N ASP A 110 -2.84 2.09 -21.33
CA ASP A 110 -2.75 0.67 -21.67
C ASP A 110 -1.57 0.00 -20.97
N LYS A 111 -0.45 0.71 -20.83
CA LYS A 111 0.69 0.17 -20.10
C LYS A 111 0.37 -0.04 -18.62
N LEU A 112 -0.55 0.76 -18.08
CA LEU A 112 -0.93 0.59 -16.68
C LEU A 112 -1.79 -0.67 -16.48
N THR A 113 -2.82 -0.83 -17.30
CA THR A 113 -3.67 -2.01 -17.18
C THR A 113 -2.91 -3.28 -17.53
N LYS A 114 -1.92 -3.17 -18.42
CA LYS A 114 -1.07 -4.33 -18.71
C LYS A 114 -0.30 -4.76 -17.47
N LEU A 115 0.22 -3.80 -16.70
CA LEU A 115 0.92 -4.14 -15.47
C LEU A 115 -0.04 -4.63 -14.40
N ILE A 116 -1.24 -4.07 -14.34
CA ILE A 116 -2.24 -4.56 -13.39
C ILE A 116 -2.52 -6.04 -13.62
N ARG A 117 -2.67 -6.43 -14.89
CA ARG A 117 -2.94 -7.83 -15.20
C ARG A 117 -1.79 -8.73 -14.74
N LYS A 118 -0.55 -8.28 -14.91
CA LYS A 118 0.58 -9.07 -14.44
C LYS A 118 0.54 -9.24 -12.93
N ALA A 119 0.30 -8.14 -12.19
CA ALA A 119 0.32 -8.20 -10.74
C ALA A 119 -0.78 -9.10 -10.21
N LYS A 120 -1.97 -9.06 -10.84
CA LYS A 120 -3.08 -9.86 -10.35
C LYS A 120 -2.89 -11.34 -10.68
N GLU A 121 -2.24 -11.67 -11.80
CA GLU A 121 -2.01 -13.06 -12.14
C GLU A 121 -0.95 -13.69 -11.23
N LEU A 122 0.10 -12.94 -10.91
CA LEU A 122 1.07 -13.44 -9.93
C LEU A 122 0.41 -13.65 -8.57
N LEU A 123 -0.48 -12.74 -8.19
CA LEU A 123 -1.16 -12.86 -6.91
C LEU A 123 -2.12 -14.04 -6.90
N ASP A 124 -2.85 -14.25 -7.99
CA ASP A 124 -3.76 -15.40 -8.07
C ASP A 124 -2.98 -16.71 -8.00
N ARG A 125 -1.82 -16.78 -8.67
CA ARG A 125 -1.00 -17.98 -8.56
C ARG A 125 -0.38 -18.12 -7.18
N LEU A 126 -0.16 -17.00 -6.48
CA LEU A 126 0.30 -17.08 -5.10
C LEU A 126 -0.80 -17.61 -4.19
N LYS A 127 -2.03 -17.14 -4.38
CA LYS A 127 -3.14 -17.63 -3.56
C LYS A 127 -3.44 -19.09 -3.83
N LYS A 128 -3.22 -19.56 -5.07
CA LYS A 128 -3.42 -20.97 -5.36
C LYS A 128 -2.38 -21.83 -4.64
N LYS A 129 -1.15 -21.34 -4.54
CA LYS A 129 -0.12 -22.07 -3.78
C LYS A 129 -0.49 -22.15 -2.30
N ALA A 130 -1.00 -21.05 -1.74
CA ALA A 130 -1.36 -21.05 -0.33
C ALA A 130 -2.55 -21.97 -0.05
N LYS A 131 -3.51 -22.04 -0.97
CA LYS A 131 -4.62 -22.95 -0.82
C LYS A 131 -4.14 -24.40 -0.78
N LYS A 132 -3.08 -24.71 -1.51
CA LYS A 132 -2.49 -26.05 -1.43
C LYS A 132 -1.84 -26.28 -0.08
N VAL A 133 -1.29 -25.23 0.54
CA VAL A 133 -0.67 -25.40 1.85
C VAL A 133 -1.73 -25.55 2.94
N GLN A 134 -2.80 -24.75 2.86
CA GLN A 134 -3.85 -24.83 3.87
C GLN A 134 -4.56 -26.18 3.84
N ASP A 135 -4.76 -26.73 2.64
CA ASP A 135 -5.45 -28.02 2.54
C ASP A 135 -4.59 -29.18 3.02
N GLU A 136 -3.27 -28.99 3.16
CA GLU A 136 -2.45 -29.98 3.83
C GLU A 136 -2.71 -30.01 5.33
N THR A 137 -3.17 -28.88 5.88
CA THR A 137 -3.48 -28.78 7.30
C THR A 137 -4.94 -28.36 7.49
N GLU B 3 -3.89 30.07 -7.37
CA GLU B 3 -4.73 29.65 -8.48
C GLU B 3 -5.48 28.37 -8.13
N GLU B 4 -6.03 27.71 -9.16
CA GLU B 4 -6.65 26.40 -8.96
C GLU B 4 -5.64 25.34 -8.55
N VAL B 5 -4.35 25.62 -8.70
CA VAL B 5 -3.31 24.67 -8.26
C VAL B 5 -3.37 24.49 -6.75
N ARG B 6 -3.70 25.56 -6.02
CA ARG B 6 -3.84 25.45 -4.57
C ARG B 6 -5.01 24.55 -4.20
N GLU B 7 -6.05 24.50 -5.04
CA GLU B 7 -7.17 23.61 -4.78
C GLU B 7 -6.80 22.16 -5.05
N LYS B 8 -6.00 21.92 -6.10
CA LYS B 8 -5.58 20.55 -6.40
C LYS B 8 -4.66 20.01 -5.32
N LEU B 9 -3.90 20.88 -4.65
CA LEU B 9 -3.04 20.44 -3.56
C LEU B 9 -3.86 20.08 -2.33
N LYS B 10 -4.82 20.94 -1.96
CA LYS B 10 -5.63 20.69 -0.78
C LYS B 10 -6.50 19.46 -0.94
N ARG B 11 -6.99 19.23 -2.17
CA ARG B 11 -7.80 18.05 -2.42
C ARG B 11 -6.97 16.78 -2.25
N MET B 12 -5.71 16.80 -2.67
CA MET B 12 -4.84 15.65 -2.44
C MET B 12 -4.47 15.50 -0.97
N GLU B 13 -4.51 16.58 -0.20
CA GLU B 13 -4.28 16.47 1.25
C GLU B 13 -5.45 15.77 1.93
N LYS B 14 -6.68 16.20 1.60
CA LYS B 14 -7.87 15.50 2.10
C LYS B 14 -7.94 14.07 1.59
N LYS B 15 -7.30 13.77 0.46
CA LYS B 15 -7.23 12.41 -0.03
C LYS B 15 -6.47 11.52 0.95
N PHE B 16 -5.36 12.04 1.49
CA PHE B 16 -4.58 11.28 2.47
C PHE B 16 -5.32 11.15 3.79
N ASP B 17 -6.13 12.15 4.16
CA ASP B 17 -6.91 12.06 5.39
C ASP B 17 -7.89 10.90 5.34
N ASP B 18 -8.51 10.68 4.17
CA ASP B 18 -9.43 9.56 4.03
C ASP B 18 -8.71 8.22 4.17
N SER B 19 -7.46 8.14 3.70
CA SER B 19 -6.70 6.91 3.81
C SER B 19 -6.25 6.65 5.25
N LEU B 20 -5.78 7.71 5.93
CA LEU B 20 -5.39 7.56 7.34
C LEU B 20 -6.58 7.15 8.19
N GLU B 21 -7.76 7.69 7.90
CA GLU B 21 -8.96 7.32 8.65
C GLU B 21 -9.31 5.86 8.43
N LYS B 22 -9.37 5.42 7.16
CA LYS B 22 -9.69 4.03 6.87
C LYS B 22 -8.63 3.08 7.40
N ALA B 23 -7.36 3.48 7.36
CA ALA B 23 -6.30 2.63 7.90
C ALA B 23 -6.45 2.47 9.40
N GLU B 24 -6.77 3.56 10.12
CA GLU B 24 -6.91 3.50 11.57
C GLU B 24 -8.02 2.53 11.97
N ARG B 25 -9.19 2.66 11.34
CA ARG B 25 -10.29 1.76 11.66
C ARG B 25 -10.00 0.34 11.22
N LYS B 26 -9.21 0.16 10.17
CA LYS B 26 -8.81 -1.18 9.78
C LYS B 26 -7.86 -1.79 10.81
N ILE B 27 -6.89 -1.01 11.28
CA ILE B 27 -5.96 -1.51 12.29
C ILE B 27 -6.70 -1.89 13.56
N ARG B 28 -7.62 -1.04 14.02
CA ARG B 28 -8.39 -1.35 15.20
C ARG B 28 -9.21 -2.62 15.00
N GLU B 29 -9.75 -2.80 13.80
CA GLU B 29 -10.50 -4.02 13.49
C GLU B 29 -9.62 -5.26 13.60
N ILE B 30 -8.35 -5.15 13.20
CA ILE B 30 -7.45 -6.31 13.24
C ILE B 30 -7.19 -6.73 14.68
N ILE B 31 -7.03 -5.76 15.58
CA ILE B 31 -6.67 -6.07 16.96
C ILE B 31 -7.86 -6.60 17.75
N LYS B 32 -9.05 -6.06 17.50
CA LYS B 32 -10.24 -6.57 18.19
C LYS B 32 -10.47 -8.04 17.87
N GLU B 33 -10.33 -8.41 16.59
CA GLU B 33 -10.45 -9.82 16.23
C GLU B 33 -9.33 -10.65 16.89
N ALA B 34 -8.13 -10.07 17.02
CA ALA B 34 -7.06 -10.78 17.71
C ALA B 34 -7.40 -11.01 19.17
N GLU B 35 -7.97 -10.00 19.83
CA GLU B 35 -8.39 -10.16 21.22
C GLU B 35 -9.53 -11.16 21.38
N LYS B 36 -10.33 -11.36 20.34
CA LYS B 36 -11.35 -12.41 20.39
C LYS B 36 -10.73 -13.79 20.24
N LYS B 37 -9.64 -13.91 19.47
CA LYS B 37 -8.97 -15.20 19.34
C LYS B 37 -8.23 -15.58 20.63
N LEU B 38 -7.81 -14.60 21.42
CA LEU B 38 -7.18 -14.90 22.70
C LEU B 38 -8.18 -15.47 23.69
N LYS B 39 -9.39 -14.90 23.74
CA LYS B 39 -10.43 -15.43 24.61
C LYS B 39 -10.88 -16.81 24.15
N THR B 40 -10.98 -17.01 22.84
CA THR B 40 -11.27 -18.35 22.31
C THR B 40 -10.20 -19.35 22.73
N LEU B 41 -8.93 -18.92 22.71
CA LEU B 41 -7.84 -19.81 23.09
C LEU B 41 -7.83 -20.05 24.60
N LYS B 42 -8.17 -19.02 25.38
CA LYS B 42 -8.20 -19.18 26.84
C LYS B 42 -9.29 -20.14 27.28
N LYS B 43 -10.47 -20.03 26.67
CA LYS B 43 -11.59 -20.90 27.03
C LYS B 43 -11.33 -22.36 26.65
N ARG B 44 -10.54 -22.58 25.59
CA ARG B 44 -10.37 -23.94 25.06
C ARG B 44 -9.59 -24.83 26.03
N ASN B 45 -8.58 -24.27 26.71
CA ASN B 45 -7.73 -25.01 27.64
C ASN B 45 -7.10 -26.23 26.95
N GLY B 46 -6.39 -25.95 25.87
CA GLY B 46 -5.66 -26.98 25.15
C GLY B 46 -4.34 -27.29 25.84
N PRO B 47 -3.50 -28.08 25.19
CA PRO B 47 -2.17 -28.35 25.75
C PRO B 47 -1.30 -27.10 25.73
N TYR B 48 -0.30 -27.10 26.63
CA TYR B 48 0.57 -25.94 26.76
C TYR B 48 1.33 -25.66 25.47
N GLU B 49 1.78 -26.72 24.79
CA GLU B 49 2.55 -26.54 23.56
C GLU B 49 1.69 -25.89 22.47
N ALA B 50 0.41 -26.26 22.40
CA ALA B 50 -0.46 -25.71 21.37
C ALA B 50 -0.86 -24.26 21.67
N VAL B 51 -0.86 -23.86 22.94
CA VAL B 51 -1.25 -22.50 23.29
C VAL B 51 -0.14 -21.51 22.93
N VAL B 52 1.11 -21.83 23.30
CA VAL B 52 2.21 -20.90 23.05
C VAL B 52 2.46 -20.76 21.56
N THR B 53 2.35 -21.86 20.81
CA THR B 53 2.55 -21.81 19.36
C THR B 53 1.46 -20.97 18.70
N THR B 54 0.21 -21.15 19.11
CA THR B 54 -0.88 -20.38 18.53
C THR B 54 -0.80 -18.92 18.94
N LEU B 55 -0.40 -18.64 20.18
CA LEU B 55 -0.24 -17.26 20.62
C LEU B 55 0.79 -16.53 19.78
N ARG B 56 1.93 -17.18 19.51
CA ARG B 56 2.96 -16.55 18.69
C ARG B 56 2.48 -16.30 17.27
N ALA B 57 1.67 -17.21 16.73
CA ALA B 57 1.17 -17.04 15.37
C ALA B 57 0.20 -15.87 15.30
N ILE B 58 -0.62 -15.68 16.32
CA ILE B 58 -1.58 -14.58 16.33
C ILE B 58 -0.85 -13.24 16.40
N LEU B 59 0.12 -13.12 17.31
CA LEU B 59 0.84 -11.86 17.45
C LEU B 59 1.63 -11.52 16.19
N LYS B 60 2.31 -12.52 15.60
CA LYS B 60 3.01 -12.28 14.35
C LYS B 60 2.05 -11.91 13.23
N ALA B 61 0.86 -12.51 13.21
CA ALA B 61 -0.11 -12.22 12.15
C ALA B 61 -0.60 -10.77 12.25
N VAL B 62 -0.94 -10.32 13.45
CA VAL B 62 -1.36 -8.94 13.64
C VAL B 62 -0.23 -7.98 13.29
N GLU B 63 0.99 -8.29 13.73
CA GLU B 63 2.14 -7.45 13.42
C GLU B 63 2.40 -7.41 11.92
N THR B 64 2.25 -8.55 11.24
CA THR B 64 2.46 -8.59 9.80
C THR B 64 1.47 -7.71 9.05
N LYS B 65 0.19 -7.75 9.44
CA LYS B 65 -0.81 -6.98 8.72
C LYS B 65 -0.75 -5.50 9.05
N ILE B 66 -0.34 -5.15 10.27
CA ILE B 66 -0.23 -3.74 10.63
C ILE B 66 0.94 -3.08 9.90
N ARG B 67 2.09 -3.77 9.84
CA ARG B 67 3.23 -3.23 9.10
C ARG B 67 2.88 -3.04 7.63
N ALA B 68 2.14 -3.98 7.04
CA ALA B 68 1.74 -3.84 5.65
C ALA B 68 0.85 -2.62 5.44
N ILE B 69 -0.06 -2.36 6.37
CA ILE B 69 -0.93 -1.20 6.25
C ILE B 69 -0.12 0.09 6.38
N ILE B 70 0.86 0.10 7.28
CA ILE B 70 1.73 1.26 7.42
C ILE B 70 2.57 1.45 6.16
N LYS B 71 3.11 0.36 5.60
CA LYS B 71 3.86 0.49 4.35
C LYS B 71 2.97 0.95 3.21
N ALA B 72 1.72 0.50 3.20
CA ALA B 72 0.79 0.96 2.17
C ALA B 72 0.54 2.46 2.29
N LEU B 73 0.56 3.01 3.50
CA LEU B 73 0.36 4.43 3.71
C LEU B 73 1.58 5.24 3.29
N LYS B 74 2.78 4.72 3.56
CA LYS B 74 3.98 5.37 3.07
C LYS B 74 4.06 5.35 1.55
N THR B 75 3.57 4.27 0.92
CA THR B 75 3.53 4.20 -0.53
C THR B 75 2.57 5.25 -1.11
N GLU B 76 1.42 5.43 -0.46
CA GLU B 76 0.50 6.46 -0.91
C GLU B 76 1.04 7.85 -0.66
N LEU B 77 1.75 8.04 0.46
CA LEU B 77 2.36 9.34 0.74
C LEU B 77 3.39 9.69 -0.31
N ASP B 78 4.22 8.72 -0.71
CA ASP B 78 5.19 8.98 -1.78
C ASP B 78 4.49 9.36 -3.08
N ALA B 79 3.38 8.70 -3.40
CA ALA B 79 2.67 8.98 -4.64
C ALA B 79 2.08 10.39 -4.64
N LEU B 80 1.55 10.83 -3.49
CA LEU B 80 0.93 12.16 -3.44
C LEU B 80 1.99 13.26 -3.50
N ILE B 81 3.13 13.04 -2.87
CA ILE B 81 4.21 14.02 -2.95
C ILE B 81 4.75 14.12 -4.37
N LYS B 82 4.89 12.99 -5.05
CA LYS B 82 5.32 13.02 -6.46
C LYS B 82 4.27 13.68 -7.34
N ALA B 83 2.99 13.42 -7.09
CA ALA B 83 1.93 14.06 -7.86
C ALA B 83 1.93 15.57 -7.63
N MET B 84 2.31 16.02 -6.45
CA MET B 84 2.42 17.46 -6.20
C MET B 84 3.55 18.06 -7.01
N GLU B 85 4.70 17.38 -7.08
CA GLU B 85 5.81 17.87 -7.90
C GLU B 85 5.38 18.05 -9.35
N THR B 86 4.65 17.06 -9.89
CA THR B 86 4.21 17.14 -11.28
C THR B 86 3.28 18.32 -11.50
N ILE B 87 2.41 18.62 -10.53
CA ILE B 87 1.49 19.74 -10.67
C ILE B 87 2.23 21.06 -10.63
N LEU B 88 3.21 21.19 -9.72
CA LEU B 88 3.92 22.46 -9.57
C LEU B 88 4.75 22.77 -10.81
N LYS B 89 5.44 21.77 -11.36
CA LYS B 89 6.29 22.01 -12.52
C LYS B 89 5.49 22.19 -13.80
N ALA B 90 4.23 21.75 -13.83
CA ALA B 90 3.43 21.87 -15.03
C ALA B 90 2.85 23.27 -15.19
N HIS B 91 2.21 23.79 -14.15
CA HIS B 91 1.54 25.08 -14.26
C HIS B 91 2.54 26.21 -14.44
N ASP B 92 3.48 26.35 -13.50
CA ASP B 92 4.51 27.38 -13.61
C ASP B 92 5.84 26.87 -13.07
N LYS B 93 6.00 26.90 -11.75
CA LYS B 93 7.22 26.45 -11.11
C LYS B 93 6.94 26.24 -9.64
N ASN B 94 7.68 25.31 -9.04
CA ASN B 94 7.60 25.04 -7.61
C ASN B 94 8.29 26.10 -6.77
N ASP B 95 8.87 27.13 -7.41
CA ASP B 95 9.50 28.21 -6.67
C ASP B 95 8.48 29.04 -5.91
N GLU B 96 7.28 29.20 -6.46
CA GLU B 96 6.25 30.00 -5.79
C GLU B 96 5.78 29.33 -4.51
N LEU B 97 5.47 28.04 -4.57
CA LEU B 97 4.93 27.28 -3.44
C LEU B 97 5.96 26.31 -2.88
N LYS B 98 7.21 26.75 -2.76
CA LYS B 98 8.27 25.87 -2.28
C LYS B 98 8.07 25.51 -0.82
N LYS B 99 7.79 26.50 0.03
CA LYS B 99 7.63 26.23 1.45
C LYS B 99 6.19 25.90 1.85
N GLU B 100 5.21 26.29 1.03
CA GLU B 100 3.82 25.92 1.33
C GLU B 100 3.62 24.41 1.15
N VAL B 101 4.16 23.86 0.07
CA VAL B 101 4.06 22.42 -0.16
C VAL B 101 4.84 21.65 0.89
N GLU B 102 6.01 22.17 1.26
CA GLU B 102 6.81 21.52 2.31
C GLU B 102 6.06 21.51 3.63
N ASP B 103 5.34 22.59 3.96
CA ASP B 103 4.54 22.59 5.17
C ASP B 103 3.35 21.64 5.05
N ILE B 104 2.82 21.47 3.85
CA ILE B 104 1.76 20.49 3.63
C ILE B 104 2.31 19.07 3.78
N ILE B 105 3.46 18.81 3.15
CA ILE B 105 4.09 17.48 3.26
C ILE B 105 4.40 17.17 4.71
N LYS B 106 5.10 18.08 5.40
CA LYS B 106 5.43 17.86 6.80
C LYS B 106 4.20 17.74 7.69
N LYS B 107 3.05 18.26 7.24
CA LYS B 107 1.82 18.03 7.98
C LYS B 107 1.29 16.62 7.75
N MET B 108 1.44 16.10 6.53
CA MET B 108 1.00 14.74 6.24
C MET B 108 1.92 13.72 6.90
N ARG B 109 3.24 13.98 6.89
CA ARG B 109 4.17 13.10 7.57
C ARG B 109 3.86 13.00 9.06
N ASP B 110 3.43 14.11 9.68
CA ASP B 110 3.12 14.08 11.11
C ASP B 110 1.79 13.39 11.37
N LYS B 111 0.81 13.56 10.48
CA LYS B 111 -0.43 12.80 10.60
C LYS B 111 -0.16 11.31 10.45
N LEU B 112 0.85 10.95 9.66
CA LEU B 112 1.24 9.54 9.54
C LEU B 112 1.88 9.04 10.83
N THR B 113 2.73 9.86 11.46
CA THR B 113 3.39 9.41 12.69
C THR B 113 2.39 9.22 13.81
N LYS B 114 1.35 10.06 13.87
CA LYS B 114 0.32 9.89 14.90
C LYS B 114 -0.38 8.54 14.76
N LEU B 115 -0.60 8.09 13.52
CA LEU B 115 -1.23 6.79 13.33
C LEU B 115 -0.26 5.65 13.63
N ILE B 116 1.02 5.82 13.30
CA ILE B 116 2.01 4.80 13.66
C ILE B 116 2.12 4.69 15.18
N ARG B 117 1.93 5.80 15.89
CA ARG B 117 1.94 5.76 17.34
C ARG B 117 0.78 4.93 17.88
N LYS B 118 -0.44 5.20 17.40
CA LYS B 118 -1.61 4.44 17.84
C LYS B 118 -1.47 2.96 17.53
N ALA B 119 -0.75 2.60 16.45
CA ALA B 119 -0.59 1.20 16.11
C ALA B 119 0.37 0.51 17.08
N LYS B 120 1.49 1.15 17.39
CA LYS B 120 2.43 0.59 18.35
C LYS B 120 1.80 0.43 19.73
N GLU B 121 0.97 1.40 20.14
CA GLU B 121 0.32 1.33 21.44
C GLU B 121 -0.72 0.21 21.50
N LEU B 122 -1.49 0.05 20.42
CA LEU B 122 -2.50 -1.00 20.39
C LEU B 122 -1.87 -2.39 20.34
N LEU B 123 -0.75 -2.52 19.61
CA LEU B 123 -0.08 -3.82 19.54
C LEU B 123 0.59 -4.17 20.86
N ASP B 124 1.24 -3.19 21.50
CA ASP B 124 1.83 -3.44 22.81
C ASP B 124 0.77 -3.82 23.84
N ARG B 125 -0.44 -3.26 23.71
CA ARG B 125 -1.52 -3.62 24.61
C ARG B 125 -2.05 -5.03 24.31
N LEU B 126 -2.02 -5.44 23.04
CA LEU B 126 -2.42 -6.80 22.68
C LEU B 126 -1.39 -7.82 23.16
N LYS B 127 -0.10 -7.47 23.11
CA LYS B 127 0.93 -8.38 23.59
C LYS B 127 0.82 -8.64 25.08
N LYS B 128 0.27 -7.68 25.84
CA LYS B 128 0.06 -7.90 27.26
C LYS B 128 -1.08 -8.88 27.52
N LYS B 129 -2.15 -8.81 26.73
CA LYS B 129 -3.21 -9.79 26.85
C LYS B 129 -2.73 -11.20 26.48
N ALA B 130 -1.79 -11.30 25.53
CA ALA B 130 -1.27 -12.62 25.16
C ALA B 130 -0.35 -13.18 26.23
N LYS B 131 0.41 -12.32 26.92
CA LYS B 131 1.26 -12.79 28.01
C LYS B 131 0.42 -13.30 29.17
N LYS B 132 -0.72 -12.66 29.44
CA LYS B 132 -1.60 -13.11 30.51
C LYS B 132 -2.25 -14.44 30.17
N VAL B 133 -2.53 -14.70 28.89
CA VAL B 133 -3.00 -16.01 28.48
C VAL B 133 -1.88 -17.04 28.66
N GLN B 134 -0.65 -16.66 28.30
CA GLN B 134 0.49 -17.55 28.49
C GLN B 134 0.72 -17.86 29.96
N ASP B 135 0.36 -16.95 30.86
CA ASP B 135 0.58 -17.17 32.29
C ASP B 135 -0.56 -17.96 32.91
N GLU B 136 -1.80 -17.63 32.57
CA GLU B 136 -2.95 -18.34 33.14
C GLU B 136 -3.06 -19.78 32.64
N THR B 137 -2.28 -20.16 31.64
CA THR B 137 -2.28 -21.54 31.15
C THR B 137 -1.22 -22.38 31.86
#